data_7ODU
#
_entry.id   7ODU
#
_cell.length_a   111.593
_cell.length_b   111.593
_cell.length_c   110.107
_cell.angle_alpha   90.000
_cell.angle_beta   90.000
_cell.angle_gamma   120.000
#
_symmetry.space_group_name_H-M   'P 32 2 1'
#
loop_
_entity.id
_entity.type
_entity.pdbx_description
1 polymer 'C-type lectin domain family 2 member D11'
2 polymer 'Killer cell lectin-like receptor subfamily B member 1B allele A'
3 branched 2-acetamido-2-deoxy-beta-D-glucopyranose-(1-4)-2-acetamido-2-deoxy-beta-D-glucopyranose
4 non-polymer 2-acetamido-2-deoxy-beta-D-glucopyranose
5 non-polymer 'ZINC ION'
#
loop_
_entity_poly.entity_id
_entity_poly.type
_entity_poly.pdbx_seq_one_letter_code
_entity_poly.pdbx_strand_id
1 'polypeptide(L)'
;ITGYAACPRNWIGVGNKCFYFSEYASNWTFSQTFCKAQEAELARFDTEEELNFLSRYKGSFDYWIGLHRESSEHPWKWTD
NTQYNYSLSIRGVERYAYLNDIGISSARVYADKRWSCSRLNSGTHHHHHHHHG
;
A,B
2 'polypeptide(L)'
;GTGVQENRTKTTDSPAKLKCPKDWHSHQDKCFHVSQTSITWKGSLADCGGKGATLLLVQDQEELRFLRNLTKRISSSFWI
GLSYTLSDEKWKWINGSTLNSDALNITGDTEKDSCASVSQDKVLSESCDSDNIWICQKELKRESTCNDSGT
;
C
#
loop_
_chem_comp.id
_chem_comp.type
_chem_comp.name
_chem_comp.formula
NAG D-saccharide, beta linking 2-acetamido-2-deoxy-beta-D-glucopyranose 'C8 H15 N O6'
ZN non-polymer 'ZINC ION' 'Zn 2'
#
# COMPACT_ATOMS: atom_id res chain seq x y z
N ILE A 1 3.09 18.02 23.18
CA ILE A 1 4.25 17.62 22.32
C ILE A 1 5.55 18.15 22.96
N THR A 2 6.20 17.29 23.75
CA THR A 2 7.52 17.51 24.42
C THR A 2 8.55 18.16 23.49
N GLY A 3 8.53 17.88 22.18
CA GLY A 3 9.44 18.55 21.22
C GLY A 3 9.40 17.90 19.84
N TYR A 4 10.04 18.52 18.84
CA TYR A 4 10.10 17.96 17.46
C TYR A 4 11.36 17.11 17.38
N ALA A 5 11.32 16.04 16.60
CA ALA A 5 12.45 15.09 16.39
C ALA A 5 12.08 14.11 15.27
N ALA A 6 12.95 13.97 14.27
CA ALA A 6 12.71 13.17 13.04
C ALA A 6 12.56 11.68 13.38
N CYS A 7 11.97 10.91 12.49
CA CYS A 7 11.98 9.43 12.55
C CYS A 7 13.24 8.94 11.85
N PRO A 8 13.76 7.75 12.19
CA PRO A 8 14.96 7.23 11.53
C PRO A 8 14.72 7.01 10.04
N ARG A 9 15.78 6.89 9.24
CA ARG A 9 15.66 6.66 7.78
C ARG A 9 14.79 5.42 7.55
N ASN A 10 14.01 5.44 6.48
CA ASN A 10 13.11 4.36 5.99
C ASN A 10 11.81 4.31 6.77
N TRP A 11 11.67 5.12 7.81
CA TRP A 11 10.40 5.28 8.57
C TRP A 11 9.79 6.63 8.24
N ILE A 12 8.49 6.75 8.46
CA ILE A 12 7.68 7.93 8.07
C ILE A 12 6.99 8.43 9.35
N GLY A 13 7.17 9.71 9.66
CA GLY A 13 6.68 10.31 10.90
C GLY A 13 5.29 10.87 10.73
N VAL A 14 4.36 10.51 11.61
CA VAL A 14 2.95 10.99 11.61
C VAL A 14 2.50 11.07 13.06
N GLY A 15 2.37 12.29 13.57
CA GLY A 15 2.06 12.51 14.99
C GLY A 15 3.17 11.92 15.83
N ASN A 16 2.83 11.52 17.06
CA ASN A 16 3.82 11.04 18.07
C ASN A 16 4.37 9.66 17.65
N LYS A 17 4.21 9.24 16.37
CA LYS A 17 4.53 7.86 15.87
C LYS A 17 5.51 7.90 14.69
N CYS A 18 6.15 6.75 14.47
CA CYS A 18 7.01 6.44 13.30
C CYS A 18 6.48 5.16 12.66
N PHE A 19 6.21 5.20 11.35
CA PHE A 19 5.65 4.04 10.63
C PHE A 19 6.70 3.47 9.68
N TYR A 20 6.64 2.15 9.46
CA TYR A 20 7.50 1.37 8.52
C TYR A 20 6.62 0.49 7.66
N PHE A 21 6.92 0.38 6.38
CA PHE A 21 6.18 -0.48 5.41
C PHE A 21 7.17 -1.42 4.71
N SER A 22 7.07 -2.72 4.98
CA SER A 22 7.98 -3.78 4.47
C SER A 22 7.89 -3.81 2.95
N GLU A 23 8.90 -4.41 2.34
CA GLU A 23 9.19 -4.38 0.89
C GLU A 23 8.98 -5.77 0.31
N TYR A 24 8.94 -6.79 1.15
CA TYR A 24 8.65 -8.20 0.78
C TYR A 24 7.50 -8.69 1.66
N ALA A 25 6.74 -9.66 1.16
CA ALA A 25 5.58 -10.24 1.88
C ALA A 25 6.07 -11.34 2.81
N SER A 26 5.23 -11.74 3.76
CA SER A 26 5.53 -12.77 4.78
C SER A 26 4.23 -13.14 5.52
N ASN A 27 4.33 -14.07 6.46
CA ASN A 27 3.20 -14.48 7.32
C ASN A 27 3.14 -13.52 8.50
N TRP A 28 2.07 -13.56 9.28
CA TRP A 28 1.82 -12.61 10.40
C TRP A 28 2.85 -12.84 11.50
N THR A 29 3.07 -14.09 11.90
CA THR A 29 3.91 -14.40 13.07
C THR A 29 5.32 -13.83 12.77
N PHE A 30 5.84 -14.06 11.55
CA PHE A 30 7.18 -13.54 11.19
C PHE A 30 7.16 -12.01 11.20
N SER A 31 6.18 -11.41 10.53
CA SER A 31 6.05 -9.93 10.44
C SER A 31 6.23 -9.33 11.83
N GLN A 32 5.58 -9.92 12.84
CA GLN A 32 5.68 -9.39 14.23
C GLN A 32 7.11 -9.56 14.73
N THR A 33 7.67 -10.77 14.68
CA THR A 33 9.04 -11.04 15.22
C THR A 33 10.05 -10.14 14.50
N PHE A 34 9.71 -9.62 13.31
CA PHE A 34 10.56 -8.64 12.58
C PHE A 34 10.39 -7.25 13.19
N CYS A 35 9.15 -6.81 13.44
CA CYS A 35 8.87 -5.50 14.10
C CYS A 35 9.56 -5.50 15.48
N LYS A 36 9.35 -6.56 16.26
CA LYS A 36 9.91 -6.69 17.63
C LYS A 36 11.42 -6.55 17.51
N ALA A 37 12.03 -7.20 16.52
CA ALA A 37 13.47 -7.13 16.22
C ALA A 37 13.93 -5.67 16.07
N GLN A 38 13.06 -4.78 15.56
CA GLN A 38 13.36 -3.33 15.33
C GLN A 38 12.95 -2.50 16.55
N GLU A 39 12.81 -3.13 17.72
CA GLU A 39 12.34 -2.48 18.97
C GLU A 39 11.04 -1.75 18.65
N ALA A 40 10.12 -2.41 17.94
CA ALA A 40 8.83 -1.82 17.48
C ALA A 40 7.70 -2.86 17.62
N GLU A 41 6.56 -2.64 16.97
CA GLU A 41 5.38 -3.56 17.01
C GLU A 41 4.64 -3.55 15.65
N LEU A 42 3.83 -4.56 15.35
CA LEU A 42 2.98 -4.51 14.14
C LEU A 42 2.10 -3.25 14.22
N ALA A 43 2.15 -2.43 13.17
CA ALA A 43 1.59 -1.06 13.11
C ALA A 43 0.28 -0.98 13.90
N ARG A 44 0.21 0.03 14.77
CA ARG A 44 -0.98 0.45 15.54
C ARG A 44 -1.30 1.92 15.22
N PHE A 45 -2.58 2.25 15.11
CA PHE A 45 -3.08 3.64 14.95
C PHE A 45 -3.99 4.00 16.13
N ASP A 46 -3.88 5.23 16.63
CA ASP A 46 -4.57 5.75 17.85
C ASP A 46 -5.40 6.98 17.49
N THR A 47 -4.83 7.93 16.73
CA THR A 47 -5.55 9.07 16.11
C THR A 47 -6.36 8.59 14.90
N GLU A 48 -7.10 9.49 14.25
CA GLU A 48 -7.61 9.28 12.87
C GLU A 48 -6.49 9.66 11.90
N GLU A 49 -5.86 10.83 12.11
CA GLU A 49 -4.68 11.35 11.36
C GLU A 49 -3.76 10.19 10.97
N GLU A 50 -3.49 9.28 11.91
CA GLU A 50 -2.64 8.09 11.69
C GLU A 50 -3.38 7.16 10.69
N LEU A 51 -4.56 6.66 11.05
CA LEU A 51 -5.32 5.71 10.18
C LEU A 51 -5.41 6.27 8.77
N ASN A 52 -5.79 7.53 8.60
CA ASN A 52 -5.93 8.20 7.28
C ASN A 52 -4.63 8.07 6.48
N PHE A 53 -3.51 8.40 7.11
CA PHE A 53 -2.16 8.20 6.54
C PHE A 53 -1.99 6.73 6.11
N LEU A 54 -2.11 5.78 7.04
CA LEU A 54 -1.96 4.33 6.72
C LEU A 54 -2.73 4.05 5.43
N SER A 55 -4.02 4.39 5.38
CA SER A 55 -4.96 4.05 4.29
C SER A 55 -4.43 4.58 2.96
N ARG A 56 -3.87 5.79 2.98
CA ARG A 56 -3.47 6.54 1.76
C ARG A 56 -2.08 6.09 1.32
N TYR A 57 -1.12 6.01 2.24
CA TYR A 57 0.27 5.61 1.93
C TYR A 57 0.29 4.16 1.41
N LYS A 58 -0.51 3.28 2.02
CA LYS A 58 -0.60 1.82 1.73
C LYS A 58 -0.14 1.49 0.30
N GLY A 59 -0.81 2.03 -0.71
CA GLY A 59 -0.59 1.62 -2.11
C GLY A 59 -1.10 0.19 -2.33
N SER A 60 -0.83 -0.40 -3.50
CA SER A 60 -1.59 -1.57 -4.05
C SER A 60 -1.44 -2.81 -3.16
N PHE A 61 -0.41 -2.88 -2.31
CA PHE A 61 -0.16 -4.05 -1.43
C PHE A 61 -1.05 -3.96 -0.19
N ASP A 62 -1.49 -5.09 0.34
CA ASP A 62 -2.15 -5.11 1.66
C ASP A 62 -1.03 -5.31 2.70
N TYR A 63 -1.20 -4.74 3.88
CA TYR A 63 -0.17 -4.76 4.96
C TYR A 63 -0.79 -5.27 6.26
N TRP A 64 -0.16 -6.30 6.83
CA TRP A 64 -0.40 -6.80 8.21
C TRP A 64 -0.34 -5.64 9.19
N ILE A 65 -1.21 -5.61 10.20
CA ILE A 65 -1.13 -4.62 11.33
C ILE A 65 -1.35 -5.33 12.68
N GLY A 66 -1.41 -4.53 13.77
CA GLY A 66 -1.20 -4.95 15.16
C GLY A 66 -2.29 -5.86 15.72
N LEU A 67 -3.45 -5.96 15.05
CA LEU A 67 -4.70 -6.53 15.65
C LEU A 67 -4.75 -8.04 15.43
N HIS A 68 -4.91 -8.76 16.54
CA HIS A 68 -5.19 -10.22 16.64
C HIS A 68 -6.41 -10.40 17.52
N ARG A 69 -7.10 -11.54 17.35
CA ARG A 69 -8.10 -12.06 18.30
C ARG A 69 -7.87 -13.57 18.42
N GLU A 70 -8.21 -14.14 19.57
CA GLU A 70 -7.99 -15.57 19.88
C GLU A 70 -8.97 -16.38 19.03
N SER A 71 -10.15 -15.83 18.70
CA SER A 71 -11.08 -16.47 17.73
C SER A 71 -12.15 -15.49 17.21
N SER A 72 -12.90 -15.97 16.21
CA SER A 72 -14.06 -15.33 15.55
C SER A 72 -15.01 -14.70 16.58
N GLU A 73 -15.05 -15.24 17.81
CA GLU A 73 -16.00 -14.81 18.88
C GLU A 73 -15.36 -13.70 19.71
N HIS A 74 -14.15 -13.93 20.24
CA HIS A 74 -13.44 -13.04 21.20
C HIS A 74 -13.09 -11.71 20.53
N PRO A 75 -12.66 -10.68 21.29
CA PRO A 75 -12.57 -9.32 20.77
C PRO A 75 -11.17 -8.99 20.27
N TRP A 76 -11.08 -7.98 19.40
CA TRP A 76 -9.82 -7.55 18.74
C TRP A 76 -8.90 -6.86 19.76
N LYS A 77 -7.60 -7.16 19.71
CA LYS A 77 -6.60 -6.61 20.66
C LYS A 77 -5.30 -6.28 19.93
N TRP A 78 -4.72 -5.10 20.19
CA TRP A 78 -3.36 -4.69 19.70
C TRP A 78 -2.27 -5.65 20.21
N THR A 79 -1.04 -5.46 19.76
CA THR A 79 0.18 -6.24 20.13
C THR A 79 0.37 -6.24 21.65
N ASP A 80 0.04 -5.16 22.37
CA ASP A 80 0.28 -5.00 23.83
C ASP A 80 -0.87 -5.60 24.64
N ASN A 81 -1.95 -5.99 23.96
CA ASN A 81 -3.14 -6.71 24.50
C ASN A 81 -4.19 -5.71 24.98
N THR A 82 -3.96 -4.40 24.83
CA THR A 82 -5.05 -3.39 24.87
C THR A 82 -6.19 -3.83 23.93
N GLN A 83 -7.44 -3.72 24.38
CA GLN A 83 -8.63 -3.93 23.50
C GLN A 83 -8.55 -2.92 22.35
N TYR A 84 -9.04 -3.30 21.17
CA TYR A 84 -9.22 -2.40 20.01
C TYR A 84 -10.49 -1.61 20.28
N ASN A 85 -10.39 -0.30 20.40
CA ASN A 85 -11.56 0.59 20.57
C ASN A 85 -11.38 1.71 19.54
N TYR A 86 -11.99 1.53 18.37
CA TYR A 86 -12.01 2.50 17.25
C TYR A 86 -13.13 2.10 16.29
N SER A 87 -13.94 3.05 15.81
CA SER A 87 -15.14 2.75 14.98
C SER A 87 -14.75 2.70 13.50
N LEU A 88 -13.75 1.88 13.16
CA LEU A 88 -13.66 1.16 11.87
C LEU A 88 -13.70 -0.32 12.23
N SER A 89 -14.76 -1.04 11.82
CA SER A 89 -14.92 -2.48 12.12
C SER A 89 -14.08 -3.27 11.12
N ILE A 90 -13.38 -4.28 11.63
CA ILE A 90 -12.48 -5.19 10.86
C ILE A 90 -13.31 -6.29 10.20
N ARG A 91 -13.31 -6.32 8.87
CA ARG A 91 -14.01 -7.28 7.98
C ARG A 91 -13.43 -8.67 8.22
N GLY A 92 -14.05 -9.71 7.65
CA GLY A 92 -13.51 -11.08 7.67
C GLY A 92 -13.92 -11.87 8.91
N VAL A 93 -13.69 -13.18 8.90
CA VAL A 93 -14.11 -14.13 9.96
C VAL A 93 -12.89 -14.56 10.74
N GLU A 94 -11.71 -13.97 10.46
CA GLU A 94 -10.40 -14.59 10.79
C GLU A 94 -9.68 -13.84 11.91
N ARG A 95 -8.54 -14.36 12.39
CA ARG A 95 -7.91 -13.96 13.67
C ARG A 95 -6.76 -12.95 13.50
N TYR A 96 -6.37 -12.53 12.29
CA TYR A 96 -5.20 -11.63 12.06
C TYR A 96 -5.51 -10.56 11.01
N ALA A 97 -5.27 -9.30 11.40
CA ALA A 97 -5.83 -8.11 10.74
C ALA A 97 -4.80 -7.55 9.79
N TYR A 98 -5.25 -7.09 8.61
CA TYR A 98 -4.40 -6.41 7.58
C TYR A 98 -5.19 -5.33 6.87
N LEU A 99 -4.49 -4.45 6.14
CA LEU A 99 -5.06 -3.27 5.46
C LEU A 99 -5.51 -3.65 4.04
N ASN A 100 -6.82 -3.76 3.81
CA ASN A 100 -7.50 -3.76 2.47
C ASN A 100 -7.33 -2.40 1.81
N ASP A 101 -7.70 -2.27 0.54
CA ASP A 101 -7.94 -0.95 -0.09
C ASP A 101 -9.27 -0.37 0.43
N ILE A 102 -10.12 -1.20 1.03
CA ILE A 102 -11.46 -0.82 1.59
C ILE A 102 -11.44 -1.01 3.11
N GLY A 103 -10.49 -0.39 3.80
CA GLY A 103 -10.44 -0.40 5.28
C GLY A 103 -9.49 -1.46 5.83
N ILE A 104 -9.91 -2.16 6.88
CA ILE A 104 -9.15 -3.26 7.54
C ILE A 104 -9.92 -4.56 7.40
N SER A 105 -9.22 -5.67 7.20
CA SER A 105 -9.78 -7.03 7.08
C SER A 105 -8.93 -8.00 7.88
N SER A 106 -9.17 -9.30 7.71
CA SER A 106 -8.57 -10.39 8.54
C SER A 106 -8.33 -11.63 7.69
N ALA A 107 -7.16 -12.27 7.84
CA ALA A 107 -6.84 -13.57 7.21
C ALA A 107 -6.00 -14.42 8.15
N ARG A 108 -5.76 -15.67 7.73
CA ARG A 108 -5.14 -16.74 8.56
C ARG A 108 -3.65 -16.40 8.73
N VAL A 109 -3.02 -16.92 9.78
CA VAL A 109 -1.59 -16.61 10.09
C VAL A 109 -0.74 -16.72 8.83
N TYR A 110 -0.94 -17.78 8.04
CA TYR A 110 0.03 -18.23 7.02
C TYR A 110 -0.17 -17.52 5.68
N ALA A 111 -1.10 -16.58 5.59
CA ALA A 111 -1.25 -15.74 4.37
C ALA A 111 0.03 -14.93 4.19
N ASP A 112 0.41 -14.69 2.95
CA ASP A 112 1.68 -14.03 2.55
C ASP A 112 1.32 -12.57 2.22
N LYS A 113 1.53 -11.64 3.15
CA LYS A 113 1.16 -10.21 2.97
C LYS A 113 2.33 -9.39 3.50
N ARG A 114 2.57 -8.20 2.94
CA ARG A 114 3.56 -7.26 3.52
C ARG A 114 3.08 -6.83 4.90
N TRP A 115 3.86 -6.05 5.62
CA TRP A 115 3.50 -5.66 7.00
C TRP A 115 4.00 -4.27 7.30
N SER A 116 3.45 -3.66 8.33
CA SER A 116 3.77 -2.29 8.75
C SER A 116 4.22 -2.38 10.19
N CYS A 117 5.21 -1.58 10.58
CA CYS A 117 5.65 -1.48 11.99
C CYS A 117 5.40 -0.04 12.45
N SER A 118 4.93 0.13 13.69
CA SER A 118 4.82 1.43 14.37
C SER A 118 5.68 1.40 15.64
N ARG A 119 6.15 2.56 16.05
CA ARG A 119 7.01 2.82 17.23
C ARG A 119 6.69 4.28 17.63
N LEU A 120 6.81 4.65 18.90
CA LEU A 120 6.66 6.07 19.30
C LEU A 120 7.98 6.85 19.08
N ASN A 121 7.93 8.19 19.13
CA ASN A 121 9.06 9.09 18.74
C ASN A 121 9.96 9.35 19.97
N SER A 122 11.18 9.89 19.72
CA SER A 122 12.17 10.43 20.70
C SER A 122 13.53 10.70 20.00
N GLY A 123 14.28 11.74 20.40
CA GLY A 123 15.52 12.24 19.75
C GLY A 123 16.81 11.50 20.13
N THR A 124 16.90 10.93 21.35
CA THR A 124 17.83 9.83 21.82
C THR A 124 17.02 8.54 22.13
N HIS A 125 17.62 7.49 22.72
CA HIS A 125 17.13 6.07 22.59
C HIS A 125 16.96 5.33 23.92
N HIS A 126 15.78 4.75 24.17
CA HIS A 126 15.38 4.06 25.42
C HIS A 126 15.11 2.58 25.11
N HIS A 127 15.82 1.64 25.73
CA HIS A 127 15.98 0.24 25.25
C HIS A 127 15.09 -0.77 26.03
N HIS A 128 14.52 -1.76 25.30
CA HIS A 128 13.59 -2.82 25.78
C HIS A 128 14.32 -4.16 25.95
N HIS A 129 14.98 -4.38 27.10
CA HIS A 129 15.92 -5.51 27.38
C HIS A 129 15.24 -6.85 27.12
N ILE B 1 -1.47 15.43 22.30
CA ILE B 1 -0.38 14.56 21.73
C ILE B 1 0.86 14.63 22.65
N THR B 2 0.96 13.66 23.58
CA THR B 2 2.10 13.51 24.52
C THR B 2 3.33 13.07 23.71
N GLY B 3 4.52 13.53 24.09
CA GLY B 3 5.81 13.02 23.57
C GLY B 3 6.20 13.67 22.26
N TYR B 4 7.25 13.14 21.62
CA TYR B 4 7.94 13.78 20.46
C TYR B 4 7.23 13.34 19.18
N ALA B 5 7.45 14.08 18.09
CA ALA B 5 6.77 13.92 16.79
C ALA B 5 7.55 14.64 15.69
N ALA B 6 7.70 13.99 14.53
CA ALA B 6 8.60 14.38 13.43
C ALA B 6 8.16 15.68 12.80
N CYS B 7 6.86 16.00 12.80
CA CYS B 7 6.32 17.20 12.11
C CYS B 7 5.09 17.72 12.84
N PRO B 8 4.71 19.00 12.65
CA PRO B 8 3.45 19.52 13.16
C PRO B 8 2.27 18.74 12.56
N ARG B 9 1.10 18.81 13.20
CA ARG B 9 -0.14 18.11 12.75
C ARG B 9 -0.35 18.42 11.27
N ASN B 10 -0.74 17.41 10.47
CA ASN B 10 -1.06 17.50 9.01
C ASN B 10 0.16 17.50 8.12
N TRP B 11 1.36 17.47 8.70
CA TRP B 11 2.60 17.27 7.91
C TRP B 11 3.15 15.90 8.20
N ILE B 12 3.92 15.37 7.25
CA ILE B 12 4.43 13.97 7.30
C ILE B 12 5.94 14.04 7.17
N GLY B 13 6.64 13.39 8.11
CA GLY B 13 8.12 13.36 8.20
C GLY B 13 8.70 12.26 7.35
N VAL B 14 9.66 12.60 6.49
CA VAL B 14 10.45 11.65 5.65
C VAL B 14 11.88 12.20 5.52
N GLY B 15 12.84 11.53 6.15
CA GLY B 15 14.21 12.06 6.27
C GLY B 15 14.19 13.41 6.95
N ASN B 16 15.16 14.25 6.60
CA ASN B 16 15.44 15.60 7.17
C ASN B 16 14.26 16.55 6.94
N LYS B 17 13.13 16.08 6.36
CA LYS B 17 12.05 16.94 5.78
C LYS B 17 10.68 16.66 6.41
N CYS B 18 9.81 17.65 6.26
CA CYS B 18 8.36 17.59 6.54
C CYS B 18 7.57 17.92 5.28
N PHE B 19 6.64 17.06 4.88
CA PHE B 19 5.84 17.26 3.66
C PHE B 19 4.40 17.59 4.05
N TYR B 20 3.74 18.40 3.21
CA TYR B 20 2.32 18.83 3.30
C TYR B 20 1.68 18.64 1.93
N PHE B 21 0.43 18.15 1.90
CA PHE B 21 -0.35 17.94 0.66
C PHE B 21 -1.67 18.70 0.73
N SER B 22 -1.82 19.75 -0.07
CA SER B 22 -3.01 20.66 -0.07
C SER B 22 -4.24 19.84 -0.45
N GLU B 23 -5.42 20.36 -0.12
CA GLU B 23 -6.71 19.65 -0.32
C GLU B 23 -7.54 20.35 -1.40
N TYR B 24 -7.19 21.59 -1.72
CA TYR B 24 -7.78 22.33 -2.86
C TYR B 24 -6.70 22.65 -3.87
N ALA B 25 -7.09 22.79 -5.13
CA ALA B 25 -6.17 23.10 -6.24
C ALA B 25 -5.91 24.60 -6.30
N SER B 26 -4.87 25.00 -7.00
CA SER B 26 -4.50 26.42 -7.19
C SER B 26 -3.47 26.55 -8.32
N ASN B 27 -3.10 27.79 -8.68
CA ASN B 27 -2.05 28.05 -9.70
C ASN B 27 -0.70 27.91 -8.98
N TRP B 28 0.39 27.90 -9.74
CA TRP B 28 1.75 27.65 -9.17
C TRP B 28 2.15 28.81 -8.28
N THR B 29 2.01 30.05 -8.76
CA THR B 29 2.52 31.24 -8.03
C THR B 29 1.81 31.27 -6.67
N PHE B 30 0.49 31.04 -6.62
CA PHE B 30 -0.25 31.07 -5.34
C PHE B 30 0.24 29.93 -4.44
N SER B 31 0.34 28.72 -4.99
CA SER B 31 0.77 27.52 -4.22
C SER B 31 2.07 27.88 -3.46
N GLN B 32 3.00 28.56 -4.14
CA GLN B 32 4.28 28.98 -3.52
C GLN B 32 3.99 29.96 -2.38
N THR B 33 3.29 31.05 -2.65
CA THR B 33 3.06 32.12 -1.64
C THR B 33 2.30 31.51 -0.45
N PHE B 34 1.63 30.36 -0.62
CA PHE B 34 1.02 29.61 0.50
C PHE B 34 2.11 28.87 1.29
N CYS B 35 3.00 28.14 0.61
CA CYS B 35 4.10 27.38 1.26
C CYS B 35 4.98 28.39 2.03
N LYS B 36 5.36 29.49 1.37
CA LYS B 36 6.25 30.50 1.97
C LYS B 36 5.57 31.02 3.24
N ALA B 37 4.26 31.28 3.15
CA ALA B 37 3.43 31.69 4.31
C ALA B 37 3.60 30.73 5.50
N GLN B 38 3.83 29.44 5.26
CA GLN B 38 4.00 28.38 6.29
C GLN B 38 5.48 28.22 6.66
N GLU B 39 6.32 29.22 6.38
CA GLU B 39 7.79 29.13 6.58
C GLU B 39 8.28 27.85 5.91
N ALA B 40 7.83 27.57 4.68
CA ALA B 40 8.19 26.36 3.90
C ALA B 40 8.44 26.74 2.42
N GLU B 41 8.45 25.77 1.51
CA GLU B 41 8.65 25.99 0.05
C GLU B 41 7.84 24.95 -0.75
N LEU B 42 7.58 25.18 -2.03
CA LEU B 42 6.96 24.12 -2.88
C LEU B 42 7.84 22.86 -2.82
N ALA B 43 7.23 21.74 -2.46
CA ALA B 43 7.90 20.48 -2.09
C ALA B 43 9.14 20.28 -2.95
N ARG B 44 10.27 19.96 -2.29
CA ARG B 44 11.56 19.59 -2.91
C ARG B 44 11.96 18.20 -2.40
N PHE B 45 12.48 17.36 -3.29
CA PHE B 45 13.08 16.05 -2.94
C PHE B 45 14.57 16.05 -3.30
N ASP B 46 15.38 15.47 -2.42
CA ASP B 46 16.87 15.38 -2.55
C ASP B 46 17.30 13.92 -2.60
N THR B 47 16.78 13.07 -1.70
CA THR B 47 16.91 11.59 -1.69
C THR B 47 16.03 10.97 -2.79
N GLU B 48 16.11 9.64 -2.96
CA GLU B 48 15.07 8.83 -3.66
C GLU B 48 13.92 8.59 -2.67
N GLU B 49 14.25 8.11 -1.47
CA GLU B 49 13.33 7.86 -0.32
C GLU B 49 12.22 8.92 -0.32
N GLU B 50 12.59 10.19 -0.50
CA GLU B 50 11.66 11.35 -0.51
C GLU B 50 10.79 11.22 -1.77
N LEU B 51 11.41 11.24 -2.97
CA LEU B 51 10.64 11.20 -4.24
C LEU B 51 9.62 10.07 -4.18
N ASN B 52 10.07 8.87 -3.81
CA ASN B 52 9.22 7.65 -3.77
C ASN B 52 7.99 7.90 -2.91
N PHE B 53 8.22 8.43 -1.70
CA PHE B 53 7.15 8.86 -0.77
C PHE B 53 6.19 9.83 -1.47
N LEU B 54 6.70 10.99 -1.94
CA LEU B 54 5.83 11.97 -2.66
C LEU B 54 4.93 11.20 -3.63
N SER B 55 5.51 10.40 -4.52
CA SER B 55 4.77 9.78 -5.65
C SER B 55 3.70 8.80 -5.15
N ARG B 56 3.94 8.16 -4.01
CA ARG B 56 3.03 7.13 -3.43
C ARG B 56 1.94 7.81 -2.59
N TYR B 57 2.31 8.71 -1.69
CA TYR B 57 1.35 9.36 -0.77
C TYR B 57 0.40 10.25 -1.57
N LYS B 58 0.96 10.98 -2.54
CA LYS B 58 0.26 11.83 -3.55
C LYS B 58 -1.19 11.38 -3.71
N GLY B 59 -1.38 10.12 -4.12
CA GLY B 59 -2.69 9.63 -4.58
C GLY B 59 -3.08 10.30 -5.89
N SER B 60 -4.32 10.10 -6.35
CA SER B 60 -4.77 10.25 -7.77
C SER B 60 -4.55 11.67 -8.31
N PHE B 61 -4.48 12.68 -7.44
CA PHE B 61 -4.38 14.12 -7.80
C PHE B 61 -2.95 14.46 -8.21
N ASP B 62 -2.84 15.45 -9.09
CA ASP B 62 -1.56 16.06 -9.51
C ASP B 62 -1.17 17.08 -8.44
N TYR B 63 0.10 17.16 -8.07
CA TYR B 63 0.61 18.11 -7.05
C TYR B 63 1.80 18.88 -7.65
N TRP B 64 1.68 20.19 -7.65
CA TRP B 64 2.78 21.14 -7.91
C TRP B 64 3.96 20.81 -7.00
N ILE B 65 5.20 20.93 -7.51
CA ILE B 65 6.44 20.86 -6.67
C ILE B 65 7.38 22.01 -7.03
N GLY B 66 8.55 22.04 -6.39
CA GLY B 66 9.46 23.21 -6.27
C GLY B 66 10.16 23.60 -7.56
N LEU B 67 10.06 22.81 -8.64
CA LEU B 67 10.84 23.00 -9.89
C LEU B 67 10.09 23.95 -10.84
N HIS B 68 10.79 25.01 -11.25
CA HIS B 68 10.47 25.90 -12.40
C HIS B 68 11.69 25.97 -13.32
N ARG B 69 11.46 26.36 -14.57
CA ARG B 69 12.51 26.78 -15.51
C ARG B 69 12.03 28.07 -16.19
N GLU B 70 12.96 28.90 -16.66
CA GLU B 70 12.62 30.19 -17.32
C GLU B 70 11.97 29.88 -18.67
N SER B 71 12.35 28.76 -19.31
CA SER B 71 11.69 28.30 -20.55
C SER B 71 12.02 26.85 -20.91
N SER B 72 11.30 26.34 -21.91
CA SER B 72 11.44 24.99 -22.54
C SER B 72 12.91 24.67 -22.85
N GLU B 73 13.76 25.67 -23.03
CA GLU B 73 15.20 25.52 -23.37
C GLU B 73 16.02 25.39 -22.08
N HIS B 74 15.91 26.39 -21.17
CA HIS B 74 16.78 26.57 -19.98
C HIS B 74 16.56 25.42 -18.99
N PRO B 75 17.39 25.27 -17.94
CA PRO B 75 17.38 24.08 -17.10
C PRO B 75 16.49 24.26 -15.85
N TRP B 76 16.06 23.14 -15.28
CA TRP B 76 15.13 23.08 -14.12
C TRP B 76 15.86 23.53 -12.85
N LYS B 77 15.19 24.33 -12.00
CA LYS B 77 15.78 24.90 -10.76
C LYS B 77 14.74 24.87 -9.63
N TRP B 78 15.13 24.43 -8.43
CA TRP B 78 14.33 24.46 -7.18
C TRP B 78 13.96 25.91 -6.82
N THR B 79 13.20 26.08 -5.75
CA THR B 79 12.67 27.39 -5.28
C THR B 79 13.84 28.34 -4.94
N ASP B 80 14.98 27.83 -4.45
CA ASP B 80 16.16 28.64 -4.03
C ASP B 80 17.08 28.95 -5.23
N ASN B 81 16.78 28.32 -6.36
CA ASN B 81 17.41 28.53 -7.70
C ASN B 81 18.63 27.61 -7.83
N THR B 82 18.89 26.72 -6.86
CA THR B 82 19.75 25.52 -7.05
C THR B 82 19.31 24.80 -8.33
N GLN B 83 20.25 24.39 -9.17
CA GLN B 83 19.95 23.55 -10.35
C GLN B 83 19.31 22.24 -9.86
N TYR B 84 18.42 21.67 -10.66
CA TYR B 84 17.85 20.31 -10.42
C TYR B 84 18.92 19.31 -10.85
N ASN B 85 19.40 18.49 -9.91
CA ASN B 85 20.42 17.44 -10.14
C ASN B 85 19.81 16.13 -9.61
N TYR B 86 19.10 15.38 -10.46
CA TYR B 86 18.47 14.09 -10.11
C TYR B 86 18.04 13.39 -11.41
N SER B 87 18.30 12.09 -11.55
CA SER B 87 18.10 11.35 -12.83
C SER B 87 16.69 10.76 -12.88
N LEU B 88 15.68 11.61 -12.64
CA LEU B 88 14.31 11.47 -13.19
C LEU B 88 14.10 12.70 -14.06
N SER B 89 13.95 12.47 -15.38
CA SER B 89 13.69 13.54 -16.36
C SER B 89 12.21 13.94 -16.26
N ILE B 90 11.96 15.24 -16.21
CA ILE B 90 10.62 15.86 -16.13
C ILE B 90 10.06 15.95 -17.55
N ARG B 91 8.95 15.24 -17.84
CA ARG B 91 8.29 15.22 -19.17
C ARG B 91 7.67 16.60 -19.42
N GLY B 92 7.15 16.80 -20.63
CA GLY B 92 6.41 18.01 -21.03
C GLY B 92 7.34 19.06 -21.58
N VAL B 93 6.77 20.10 -22.17
CA VAL B 93 7.50 21.19 -22.87
C VAL B 93 7.46 22.44 -21.99
N GLU B 94 6.90 22.36 -20.79
CA GLU B 94 6.34 23.55 -20.08
C GLU B 94 7.17 23.96 -18.86
N ARG B 95 6.78 25.05 -18.22
CA ARG B 95 7.65 25.90 -17.36
C ARG B 95 7.57 25.53 -15.85
N TYR B 96 6.58 24.75 -15.39
CA TYR B 96 6.40 24.43 -13.95
C TYR B 96 6.05 22.95 -13.76
N ALA B 97 6.72 22.33 -12.78
CA ALA B 97 6.79 20.87 -12.58
C ALA B 97 5.72 20.45 -11.57
N TYR B 98 5.05 19.34 -11.86
CA TYR B 98 4.05 18.72 -10.95
C TYR B 98 4.14 17.21 -11.02
N LEU B 99 3.50 16.53 -10.08
CA LEU B 99 3.54 15.06 -9.93
C LEU B 99 2.37 14.46 -10.71
N ASN B 100 2.68 13.92 -11.88
CA ASN B 100 1.85 13.05 -12.74
C ASN B 100 1.57 11.75 -12.01
N ASP B 101 0.63 10.97 -12.55
CA ASP B 101 0.28 9.63 -12.02
C ASP B 101 1.40 8.64 -12.35
N ILE B 102 2.34 8.98 -13.24
CA ILE B 102 3.61 8.20 -13.43
C ILE B 102 4.79 9.18 -13.44
N GLY B 103 5.29 9.58 -12.27
CA GLY B 103 6.51 10.41 -12.14
C GLY B 103 6.24 11.91 -12.11
N ILE B 104 7.09 12.70 -12.78
CA ILE B 104 7.06 14.19 -12.78
C ILE B 104 6.84 14.72 -14.20
N SER B 105 6.03 15.75 -14.35
CA SER B 105 5.72 16.43 -15.64
C SER B 105 5.68 17.94 -15.42
N SER B 106 5.16 18.68 -16.39
CA SER B 106 5.23 20.17 -16.46
C SER B 106 3.97 20.76 -17.09
N ALA B 107 3.41 21.82 -16.50
CA ALA B 107 2.30 22.62 -17.08
C ALA B 107 2.49 24.10 -16.75
N ARG B 108 1.64 24.95 -17.35
CA ARG B 108 1.82 26.43 -17.39
C ARG B 108 1.43 26.99 -16.02
N VAL B 109 1.90 28.18 -15.66
CA VAL B 109 1.72 28.73 -14.28
C VAL B 109 0.23 28.69 -13.89
N TYR B 110 -0.68 28.99 -14.82
CA TYR B 110 -2.10 29.28 -14.52
C TYR B 110 -2.91 28.00 -14.41
N ALA B 111 -2.33 26.81 -14.61
CA ALA B 111 -3.03 25.52 -14.41
C ALA B 111 -3.42 25.43 -12.94
N ASP B 112 -4.60 24.87 -12.66
CA ASP B 112 -5.15 24.70 -11.30
C ASP B 112 -4.82 23.25 -10.92
N LYS B 113 -3.81 23.08 -10.06
CA LYS B 113 -3.34 21.75 -9.58
C LYS B 113 -3.11 21.89 -8.09
N ARG B 114 -3.29 20.83 -7.30
CA ARG B 114 -2.98 20.86 -5.84
C ARG B 114 -1.49 21.07 -5.72
N TRP B 115 -0.98 21.19 -4.50
CA TRP B 115 0.46 21.45 -4.32
C TRP B 115 0.94 20.76 -3.06
N SER B 116 2.25 20.56 -2.96
CA SER B 116 2.92 19.96 -1.81
C SER B 116 3.88 21.00 -1.26
N CYS B 117 4.03 21.07 0.05
CA CYS B 117 5.06 21.93 0.67
C CYS B 117 6.05 21.01 1.39
N SER B 118 7.34 21.34 1.32
CA SER B 118 8.41 20.71 2.12
C SER B 118 9.07 21.77 2.98
N ARG B 119 9.58 21.37 4.14
CA ARG B 119 10.25 22.22 5.14
C ARG B 119 11.36 21.36 5.72
N LEU B 120 12.55 21.92 5.98
CA LEU B 120 13.66 21.19 6.65
C LEU B 120 13.45 21.24 8.17
N ASN B 121 14.19 20.42 8.92
CA ASN B 121 14.16 20.41 10.41
C ASN B 121 15.10 21.52 10.91
N SER B 122 16.35 21.52 10.41
CA SER B 122 17.47 22.46 10.72
C SER B 122 18.22 22.83 9.44
N LYS C 19 -5.41 -9.86 -30.15
CA LYS C 19 -6.57 -10.78 -29.93
C LYS C 19 -7.25 -10.54 -28.57
N CYS C 20 -6.63 -9.75 -27.68
CA CYS C 20 -7.14 -9.44 -26.32
C CYS C 20 -7.88 -8.10 -26.30
N PRO C 21 -9.01 -7.97 -25.57
CA PRO C 21 -9.60 -6.66 -25.33
C PRO C 21 -8.54 -5.68 -24.78
N LYS C 22 -8.77 -4.37 -24.84
CA LYS C 22 -7.78 -3.34 -24.35
C LYS C 22 -7.44 -3.64 -22.89
N ASP C 23 -6.26 -3.23 -22.45
CA ASP C 23 -5.73 -3.42 -21.06
C ASP C 23 -6.05 -4.83 -20.52
N TRP C 24 -6.16 -5.85 -21.39
CA TRP C 24 -6.12 -7.30 -21.03
C TRP C 24 -4.81 -7.93 -21.54
N HIS C 25 -4.09 -8.71 -20.73
CA HIS C 25 -2.78 -9.32 -21.09
C HIS C 25 -2.96 -10.75 -21.62
N SER C 26 -2.60 -10.99 -22.89
CA SER C 26 -2.66 -12.31 -23.59
C SER C 26 -1.49 -13.19 -23.17
N HIS C 27 -1.66 -14.51 -23.18
CA HIS C 27 -0.57 -15.50 -23.01
C HIS C 27 -1.14 -16.90 -23.24
N GLN C 28 -0.54 -17.64 -24.17
CA GLN C 28 -0.81 -19.08 -24.42
C GLN C 28 -2.31 -19.24 -24.68
N ASP C 29 -2.90 -18.29 -25.43
CA ASP C 29 -4.24 -18.34 -26.07
C ASP C 29 -5.38 -18.02 -25.06
N LYS C 30 -5.05 -17.67 -23.81
CA LYS C 30 -5.98 -16.99 -22.86
C LYS C 30 -5.70 -15.48 -22.84
N CYS C 31 -6.72 -14.67 -22.55
CA CYS C 31 -6.56 -13.27 -22.09
C CYS C 31 -6.73 -13.22 -20.56
N PHE C 32 -5.99 -12.35 -19.89
CA PHE C 32 -6.04 -12.13 -18.42
C PHE C 32 -6.30 -10.66 -18.09
N HIS C 33 -6.84 -10.38 -16.90
CA HIS C 33 -7.09 -9.01 -16.37
C HIS C 33 -7.02 -9.05 -14.84
N VAL C 34 -6.43 -8.01 -14.25
CA VAL C 34 -6.00 -8.00 -12.82
C VAL C 34 -6.83 -6.96 -12.04
N SER C 35 -8.04 -7.27 -11.60
CA SER C 35 -8.96 -6.13 -11.27
C SER C 35 -8.37 -5.49 -10.02
N GLN C 36 -8.39 -4.15 -10.07
CA GLN C 36 -7.66 -3.17 -9.24
C GLN C 36 -8.53 -2.81 -8.03
N THR C 37 -8.78 -3.79 -7.18
CA THR C 37 -9.60 -3.70 -5.94
C THR C 37 -9.55 -5.10 -5.30
N SER C 38 -9.49 -5.15 -3.98
CA SER C 38 -9.46 -6.39 -3.18
C SER C 38 -10.87 -6.62 -2.61
N ILE C 39 -11.32 -7.87 -2.72
CA ILE C 39 -12.72 -8.34 -2.52
C ILE C 39 -12.65 -9.78 -2.02
N THR C 40 -13.77 -10.38 -1.64
CA THR C 40 -13.85 -11.78 -1.15
C THR C 40 -13.78 -12.77 -2.32
N TRP C 41 -13.67 -14.07 -2.03
CA TRP C 41 -13.61 -15.09 -3.10
C TRP C 41 -14.90 -14.99 -3.90
N LYS C 42 -16.04 -15.28 -3.27
CA LYS C 42 -17.38 -15.26 -3.92
C LYS C 42 -17.52 -14.01 -4.79
N GLY C 43 -17.16 -12.84 -4.26
CA GLY C 43 -17.28 -11.54 -4.94
C GLY C 43 -16.48 -11.51 -6.22
N SER C 44 -15.26 -12.05 -6.18
CA SER C 44 -14.34 -12.10 -7.33
C SER C 44 -14.93 -13.02 -8.40
N LEU C 45 -15.33 -14.23 -8.02
CA LEU C 45 -16.02 -15.23 -8.89
C LEU C 45 -17.06 -14.51 -9.76
N ALA C 46 -17.92 -13.74 -9.08
CA ALA C 46 -19.13 -13.06 -9.59
C ALA C 46 -18.76 -11.97 -10.58
N ASP C 47 -17.70 -11.22 -10.26
CA ASP C 47 -17.20 -10.11 -11.10
C ASP C 47 -16.78 -10.70 -12.44
N CYS C 48 -15.93 -11.72 -12.42
CA CYS C 48 -15.43 -12.37 -13.65
C CYS C 48 -16.64 -12.95 -14.39
N GLY C 49 -17.45 -13.75 -13.70
CA GLY C 49 -18.62 -14.49 -14.23
C GLY C 49 -19.66 -13.57 -14.84
N GLY C 50 -19.69 -12.30 -14.41
CA GLY C 50 -20.63 -11.26 -14.84
C GLY C 50 -20.16 -10.49 -16.08
N LYS C 51 -18.88 -10.70 -16.45
CA LYS C 51 -18.18 -10.04 -17.59
C LYS C 51 -17.98 -11.04 -18.73
N GLY C 52 -18.54 -12.24 -18.63
CA GLY C 52 -18.29 -13.37 -19.57
C GLY C 52 -16.86 -13.88 -19.47
N ALA C 53 -16.38 -14.06 -18.24
CA ALA C 53 -15.04 -14.56 -17.90
C ALA C 53 -15.17 -15.39 -16.62
N THR C 54 -14.05 -15.90 -16.09
CA THR C 54 -13.99 -16.81 -14.92
C THR C 54 -12.71 -16.51 -14.14
N LEU C 55 -12.70 -16.76 -12.82
CA LEU C 55 -11.45 -16.83 -12.02
C LEU C 55 -10.45 -17.79 -12.71
N LEU C 56 -9.17 -17.74 -12.35
CA LEU C 56 -8.15 -18.55 -13.05
C LEU C 56 -8.50 -20.04 -12.93
N LEU C 57 -8.26 -20.80 -13.99
CA LEU C 57 -8.26 -22.28 -13.97
C LEU C 57 -6.88 -22.75 -14.40
N VAL C 58 -6.02 -23.10 -13.44
CA VAL C 58 -4.55 -23.25 -13.63
C VAL C 58 -4.28 -24.42 -14.57
N GLN C 59 -3.91 -24.11 -15.83
CA GLN C 59 -3.48 -25.10 -16.84
C GLN C 59 -2.20 -25.79 -16.31
N ASP C 60 -1.08 -25.07 -16.32
CA ASP C 60 0.30 -25.59 -16.09
C ASP C 60 1.02 -24.72 -15.07
N GLN C 61 2.14 -25.22 -14.52
CA GLN C 61 2.99 -24.47 -13.56
C GLN C 61 3.73 -23.34 -14.29
N GLU C 62 3.43 -23.13 -15.59
CA GLU C 62 3.97 -21.97 -16.38
C GLU C 62 3.03 -20.77 -16.19
N GLU C 63 1.75 -20.91 -16.53
CA GLU C 63 0.82 -19.75 -16.54
C GLU C 63 0.80 -19.15 -15.12
N LEU C 64 1.07 -19.95 -14.08
CA LEU C 64 1.26 -19.46 -12.68
C LEU C 64 2.45 -18.49 -12.61
N ARG C 65 3.65 -18.91 -13.05
CA ARG C 65 4.86 -18.06 -13.15
C ARG C 65 4.53 -16.76 -13.90
N PHE C 66 3.75 -16.82 -14.99
CA PHE C 66 3.40 -15.64 -15.83
C PHE C 66 2.60 -14.64 -14.99
N LEU C 67 1.48 -15.10 -14.43
CA LEU C 67 0.56 -14.23 -13.65
C LEU C 67 1.36 -13.68 -12.47
N ARG C 68 2.11 -14.57 -11.82
CA ARG C 68 3.03 -14.24 -10.69
C ARG C 68 3.96 -13.08 -11.09
N ASN C 69 4.58 -13.11 -12.27
CA ASN C 69 5.35 -11.95 -12.79
C ASN C 69 4.39 -10.77 -12.92
N LEU C 70 3.31 -10.96 -13.69
CA LEU C 70 2.37 -9.88 -14.08
C LEU C 70 1.92 -9.08 -12.85
N THR C 71 1.78 -9.75 -11.70
CA THR C 71 1.26 -9.18 -10.43
C THR C 71 2.37 -8.93 -9.42
N LYS C 72 3.63 -9.23 -9.74
CA LYS C 72 4.77 -9.22 -8.76
C LYS C 72 4.87 -7.81 -8.15
N ARG C 73 4.59 -6.77 -8.94
CA ARG C 73 4.81 -5.34 -8.59
C ARG C 73 3.55 -4.78 -7.92
N ILE C 74 2.44 -5.50 -8.01
CA ILE C 74 1.06 -5.03 -7.67
C ILE C 74 0.65 -5.56 -6.30
N SER C 75 0.62 -6.89 -6.12
CA SER C 75 -0.05 -7.58 -4.98
C SER C 75 0.70 -8.87 -4.61
N SER C 76 0.63 -9.23 -3.32
CA SER C 76 1.48 -10.28 -2.68
C SER C 76 0.83 -11.65 -2.90
N SER C 77 -0.43 -11.66 -3.37
CA SER C 77 -1.23 -12.88 -3.68
C SER C 77 -2.55 -12.51 -4.40
N PHE C 78 -3.16 -13.51 -5.06
CA PHE C 78 -4.40 -13.32 -5.86
C PHE C 78 -5.28 -14.58 -5.84
N TRP C 79 -6.53 -14.39 -6.21
CA TRP C 79 -7.60 -15.42 -6.13
C TRP C 79 -7.58 -16.25 -7.42
N ILE C 80 -7.78 -17.56 -7.27
CA ILE C 80 -7.97 -18.49 -8.41
C ILE C 80 -9.20 -19.35 -8.16
N GLY C 81 -9.86 -19.79 -9.24
CA GLY C 81 -11.15 -20.49 -9.22
C GLY C 81 -11.00 -21.88 -8.63
N LEU C 82 -10.66 -21.98 -7.34
CA LEU C 82 -10.41 -23.27 -6.63
C LEU C 82 -10.77 -23.16 -5.15
N SER C 83 -11.58 -24.07 -4.61
CA SER C 83 -12.17 -23.88 -3.26
C SER C 83 -12.63 -25.20 -2.62
N TYR C 84 -12.34 -25.33 -1.33
CA TYR C 84 -12.52 -26.54 -0.48
C TYR C 84 -13.84 -26.46 0.27
N THR C 85 -14.62 -27.52 0.20
CA THR C 85 -16.06 -27.57 0.56
C THR C 85 -16.23 -28.60 1.67
N LEU C 86 -16.38 -28.15 2.92
CA LEU C 86 -16.19 -28.99 4.13
C LEU C 86 -17.03 -30.29 4.06
N SER C 87 -18.10 -30.32 3.27
CA SER C 87 -19.01 -31.49 3.07
C SER C 87 -18.30 -32.59 2.26
N ASP C 88 -17.75 -32.24 1.10
CA ASP C 88 -16.97 -33.14 0.21
C ASP C 88 -15.60 -33.50 0.81
N GLU C 89 -14.95 -32.55 1.50
CA GLU C 89 -13.53 -32.66 1.89
C GLU C 89 -12.69 -32.80 0.60
N LYS C 90 -13.03 -31.99 -0.41
CA LYS C 90 -12.41 -31.95 -1.76
C LYS C 90 -12.27 -30.49 -2.24
N TRP C 91 -11.08 -30.12 -2.69
CA TRP C 91 -10.87 -28.90 -3.49
C TRP C 91 -11.58 -29.10 -4.83
N LYS C 92 -12.11 -28.03 -5.44
CA LYS C 92 -12.86 -28.09 -6.73
C LYS C 92 -12.65 -26.82 -7.57
N TRP C 93 -12.03 -26.97 -8.74
CA TRP C 93 -12.02 -25.93 -9.78
C TRP C 93 -13.46 -25.49 -10.06
N ILE C 94 -13.70 -24.21 -10.33
CA ILE C 94 -15.04 -23.60 -10.54
C ILE C 94 -15.69 -24.14 -11.82
N ASN C 95 -15.12 -25.21 -12.38
CA ASN C 95 -15.57 -25.86 -13.65
C ASN C 95 -16.13 -27.25 -13.35
N GLY C 96 -16.32 -27.58 -12.08
CA GLY C 96 -16.87 -28.87 -11.63
C GLY C 96 -15.78 -29.78 -11.07
N SER C 97 -14.62 -29.79 -11.74
CA SER C 97 -13.63 -30.90 -11.65
C SER C 97 -12.91 -30.82 -10.31
N THR C 98 -13.00 -31.87 -9.50
CA THR C 98 -12.13 -32.08 -8.32
C THR C 98 -10.67 -31.81 -8.70
N LEU C 99 -9.86 -31.37 -7.73
CA LEU C 99 -8.43 -30.99 -7.95
C LEU C 99 -7.60 -32.26 -8.09
N ASN C 100 -6.77 -32.35 -9.13
CA ASN C 100 -5.77 -33.43 -9.30
C ASN C 100 -4.59 -33.18 -8.33
N SER C 101 -4.60 -33.84 -7.16
CA SER C 101 -3.72 -33.52 -6.01
C SER C 101 -2.25 -33.42 -6.43
N ASP C 102 -1.82 -34.28 -7.35
CA ASP C 102 -0.46 -34.25 -7.97
C ASP C 102 -0.17 -32.83 -8.48
N ALA C 103 -1.14 -32.21 -9.19
CA ALA C 103 -0.96 -31.06 -10.10
C ALA C 103 -0.76 -29.73 -9.32
N LEU C 104 -1.09 -29.70 -8.03
CA LEU C 104 -0.88 -28.52 -7.14
C LEU C 104 -0.75 -28.97 -5.68
N ASN C 105 0.34 -28.57 -5.02
CA ASN C 105 0.47 -28.58 -3.52
C ASN C 105 -0.09 -27.26 -3.02
N ILE C 106 -1.05 -27.34 -2.10
CA ILE C 106 -1.77 -26.18 -1.49
C ILE C 106 -1.38 -26.12 -0.01
N THR C 107 -0.71 -25.06 0.41
CA THR C 107 -0.28 -24.90 1.82
C THR C 107 -1.44 -24.26 2.56
N GLY C 108 -1.75 -24.76 3.77
CA GLY C 108 -2.77 -24.18 4.66
C GLY C 108 -3.58 -25.24 5.40
N ASP C 109 -4.38 -24.80 6.37
CA ASP C 109 -5.39 -25.61 7.11
C ASP C 109 -6.61 -25.78 6.20
N THR C 110 -7.21 -26.99 6.15
CA THR C 110 -8.49 -27.25 5.40
C THR C 110 -9.56 -27.70 6.40
N GLU C 111 -9.56 -27.14 7.61
CA GLU C 111 -10.48 -27.52 8.72
C GLU C 111 -11.87 -26.91 8.53
N LYS C 112 -11.97 -25.81 7.75
CA LYS C 112 -13.23 -25.09 7.40
C LYS C 112 -13.23 -24.83 5.91
N ASP C 113 -14.36 -24.39 5.34
CA ASP C 113 -14.40 -24.04 3.89
C ASP C 113 -13.14 -23.22 3.60
N SER C 114 -12.48 -23.39 2.46
CA SER C 114 -11.34 -22.53 2.06
C SER C 114 -11.38 -22.18 0.55
N CYS C 115 -10.71 -21.10 0.19
CA CYS C 115 -10.52 -20.62 -1.20
C CYS C 115 -9.01 -20.45 -1.43
N ALA C 116 -8.57 -20.73 -2.65
CA ALA C 116 -7.15 -20.74 -3.06
C ALA C 116 -6.77 -19.36 -3.60
N SER C 117 -5.72 -18.79 -3.01
CA SER C 117 -5.00 -17.57 -3.45
C SER C 117 -3.57 -17.99 -3.78
N VAL C 118 -3.02 -17.37 -4.82
CA VAL C 118 -1.67 -17.70 -5.36
C VAL C 118 -0.71 -16.61 -4.85
N SER C 119 0.03 -16.92 -3.78
CA SER C 119 1.19 -16.11 -3.34
C SER C 119 2.25 -16.21 -4.43
N GLN C 120 3.25 -15.31 -4.39
CA GLN C 120 4.37 -15.28 -5.36
C GLN C 120 5.03 -16.69 -5.45
N ASP C 121 5.27 -17.37 -4.31
CA ASP C 121 6.04 -18.65 -4.26
C ASP C 121 5.13 -19.86 -3.91
N LYS C 122 4.01 -19.70 -3.19
CA LYS C 122 3.10 -20.84 -2.80
C LYS C 122 1.69 -20.65 -3.41
N VAL C 123 0.80 -21.61 -3.13
CA VAL C 123 -0.67 -21.51 -3.32
C VAL C 123 -1.34 -21.87 -1.99
N LEU C 124 -2.22 -20.98 -1.50
CA LEU C 124 -2.66 -21.00 -0.09
C LEU C 124 -4.16 -21.28 0.02
N SER C 125 -4.52 -22.01 1.09
CA SER C 125 -5.90 -22.28 1.57
C SER C 125 -6.26 -21.13 2.48
N GLU C 126 -7.12 -20.20 2.04
CA GLU C 126 -7.46 -18.95 2.79
C GLU C 126 -8.92 -18.96 3.25
N SER C 127 -9.24 -18.18 4.29
CA SER C 127 -10.64 -17.76 4.63
C SER C 127 -11.22 -17.25 3.32
N CYS C 128 -12.49 -17.51 3.04
CA CYS C 128 -13.12 -17.06 1.78
C CYS C 128 -13.65 -15.62 1.94
N ASP C 129 -13.51 -15.07 3.15
CA ASP C 129 -14.02 -13.73 3.56
C ASP C 129 -12.85 -12.74 3.76
N SER C 130 -11.62 -13.23 3.77
CA SER C 130 -10.41 -12.41 3.48
C SER C 130 -10.60 -11.69 2.13
N ASP C 131 -10.05 -10.48 1.98
CA ASP C 131 -10.12 -9.72 0.70
C ASP C 131 -8.82 -9.95 -0.07
N ASN C 132 -8.94 -10.01 -1.41
CA ASN C 132 -7.80 -10.33 -2.32
C ASN C 132 -8.04 -9.79 -3.74
N ILE C 133 -7.02 -9.15 -4.31
CA ILE C 133 -6.80 -9.03 -5.78
C ILE C 133 -7.31 -10.31 -6.42
N TRP C 134 -8.08 -10.21 -7.50
CA TRP C 134 -8.38 -11.40 -8.34
C TRP C 134 -8.02 -11.08 -9.79
N ILE C 135 -7.74 -12.15 -10.56
CA ILE C 135 -7.37 -12.14 -12.00
C ILE C 135 -8.46 -12.88 -12.75
N CYS C 136 -8.99 -12.22 -13.78
CA CYS C 136 -10.07 -12.69 -14.68
C CYS C 136 -9.45 -13.33 -15.94
N GLN C 137 -10.09 -14.39 -16.46
CA GLN C 137 -9.59 -15.26 -17.56
C GLN C 137 -10.66 -15.41 -18.64
N LYS C 138 -10.29 -15.34 -19.92
CA LYS C 138 -11.19 -15.53 -21.09
C LYS C 138 -10.51 -16.42 -22.16
N GLU C 139 -10.93 -16.33 -23.44
CA GLU C 139 -10.19 -16.82 -24.65
C GLU C 139 -11.06 -16.72 -25.91
C1 NAG D . 6.55 -17.66 8.70
C2 NAG D . 6.51 -19.17 8.73
C3 NAG D . 7.86 -19.71 9.20
C4 NAG D . 9.04 -19.11 8.47
C5 NAG D . 8.90 -17.60 8.43
C6 NAG D . 9.88 -16.94 7.47
C7 NAG D . 4.25 -20.15 9.16
C8 NAG D . 3.19 -20.44 10.20
N2 NAG D . 5.39 -19.56 9.59
O3 NAG D . 7.88 -21.11 8.96
O4 NAG D . 10.28 -19.51 9.12
O5 NAG D . 7.64 -17.26 7.88
O6 NAG D . 9.08 -16.47 6.39
O7 NAG D . 4.05 -20.45 7.97
C1 NAG D . 11.14 -20.36 8.30
C2 NAG D . 12.61 -20.02 8.53
C3 NAG D . 13.49 -20.92 7.64
C4 NAG D . 13.36 -22.36 8.15
C5 NAG D . 11.87 -22.70 7.93
C6 NAG D . 11.53 -24.04 8.52
C7 NAG D . 12.91 -17.71 9.31
C8 NAG D . 13.33 -16.31 8.86
N2 NAG D . 12.90 -18.61 8.31
O3 NAG D . 14.86 -20.53 7.62
O4 NAG D . 14.34 -23.28 7.55
O5 NAG D . 10.94 -21.76 8.54
O6 NAG D . 10.20 -23.94 9.04
O7 NAG D . 12.60 -17.98 10.47
C1 NAG E . -11.10 -27.70 -14.82
C2 NAG E . -11.06 -28.78 -15.90
C3 NAG E . -10.05 -29.82 -15.45
C4 NAG E . -8.69 -29.12 -15.43
C5 NAG E . -8.71 -27.84 -14.58
C6 NAG E . -7.52 -26.94 -14.85
C7 NAG E . -12.92 -29.17 -17.45
C8 NAG E . -14.40 -29.39 -17.55
N2 NAG E . -12.40 -29.29 -16.22
O3 NAG E . -10.08 -30.94 -16.33
O4 NAG E . -7.71 -30.06 -14.96
O5 NAG E . -9.85 -27.02 -14.87
O6 NAG E . -7.67 -25.66 -14.22
O7 NAG E . -12.27 -28.81 -18.43
C1 NAG E . -6.47 -29.87 -15.68
C2 NAG E . -5.35 -30.50 -14.85
C3 NAG E . -4.30 -31.36 -15.56
C4 NAG E . -4.47 -31.48 -17.10
C5 NAG E . -5.19 -30.22 -17.63
C6 NAG E . -5.27 -30.08 -19.15
C7 NAG E . -4.47 -29.31 -12.96
C8 NAG E . -3.63 -28.14 -12.52
N2 NAG E . -4.60 -29.41 -14.26
O3 NAG E . -4.34 -32.61 -14.87
O4 NAG E . -3.20 -31.65 -17.76
O5 NAG E . -6.50 -30.30 -17.05
O6 NAG E . -5.93 -31.25 -19.66
O7 NAG E . -5.00 -30.12 -12.19
C1 NAG F . -14.04 3.31 23.91
C2 NAG F . -13.09 4.30 24.59
C3 NAG F . -13.96 5.32 25.36
C4 NAG F . -14.96 6.00 24.40
C5 NAG F . -15.73 5.04 23.47
C6 NAG F . -16.35 5.77 22.27
C7 NAG F . -10.92 4.04 25.82
C8 NAG F . -9.95 3.04 26.39
N2 NAG F . -12.08 3.55 25.36
O3 NAG F . -13.15 6.32 26.00
O4 NAG F . -15.93 6.75 25.15
O5 NAG F . -14.90 3.98 22.97
O6 NAG F . -17.65 6.27 22.57
O7 NAG F . -10.66 5.25 25.77
ZN ZN G . 17.81 -0.67 21.58
C1 NAG H . -3.44 32.74 -8.81
C2 NAG H . -3.80 33.93 -9.73
C3 NAG H . -4.05 35.25 -8.91
C4 NAG H . -5.23 35.07 -7.93
C5 NAG H . -4.81 33.87 -7.04
C6 NAG H . -5.86 33.45 -6.00
C7 NAG H . -2.80 33.29 -11.99
C8 NAG H . -1.51 33.30 -12.78
N2 NAG H . -2.74 33.91 -10.75
O3 NAG H . -4.35 36.48 -9.61
O4 NAG H . -5.65 36.31 -7.24
O5 NAG H . -4.51 32.70 -7.85
O6 NAG H . -5.95 32.00 -5.96
O7 NAG H . -3.81 32.72 -12.45
C1 NAG I . 6.96 -8.91 -16.11
C2 NAG I . 7.79 -9.10 -17.40
C3 NAG I . 8.09 -7.82 -18.23
C4 NAG I . 6.93 -6.81 -18.28
C5 NAG I . 6.49 -6.59 -16.83
C6 NAG I . 5.37 -5.58 -16.86
C7 NAG I . 9.21 -11.06 -16.87
C8 NAG I . 10.53 -11.47 -16.29
N2 NAG I . 9.03 -9.74 -16.96
O3 NAG I . 8.42 -8.11 -19.61
O4 NAG I . 7.24 -5.54 -18.94
O5 NAG I . 6.01 -7.83 -16.27
O6 NAG I . 4.36 -6.14 -17.71
O7 NAG I . 8.36 -11.89 -17.21
#